data_9AXS
#
_entry.id   9AXS
#
_cell.length_a   94.328
_cell.length_b   61.321
_cell.length_c   76.576
_cell.angle_alpha   90.00
_cell.angle_beta   103.88
_cell.angle_gamma   90.00
#
_symmetry.space_group_name_H-M   'C 1 2 1'
#
loop_
_entity.id
_entity.type
_entity.pdbx_description
1 polymer 'HY18-5B1_Ch Fab Heavy Chain'
2 polymer 'HY18-5B1_Ch Fab Light Chain'
3 non-polymer GLYCEROL
4 water water
#
loop_
_entity_poly.entity_id
_entity_poly.type
_entity_poly.pdbx_seq_one_letter_code
_entity_poly.pdbx_strand_id
1 'polypeptide(L)'
;EVQLQQSGAELVKPGASVKLSCTASGFNIKDTYIYWVRQRPEQGLEWIGRIDPANGNTKYDPKVQGKATITADTSSNTAY
LQLSSLTFEDTAVYYCALEHGYYDVMDYWGQGTSVTVSSASTKGPSVFPLAPSSKSTSGGTAALGCLVKDYFPEPVTVSW
NSGALTSGVHTFPAVLQSSGLYSLSSVVTVPSSSLGTQTYICNVNHKPSNTKVDKRVEPKSCDKTHHHHHH
;
H
2 'polypeptide(L)'
;DIVMTQSQKFMSTSVGDRVSVTCKASQNVDTNVAWYQKKPGQSPKALIYSASYRYSGVPDRFTGSGSGTDFTLTISNVQS
EDLAEYFCQQYNSYPYTFGGGTKLEIKRTVAAPSVFIFPPSDEQLKSGTASVVCLLNNFYPREAKVQWKVDNALQSGNSQ
ESVTEQDSKDSTYSLSSTLTLSKADYEKHKVYACEVTHQGLSSPVTKSFNRGEC
;
L
#
# COMPACT_ATOMS: atom_id res chain seq x y z
N GLU A 1 20.60 7.52 9.59
CA GLU A 1 20.42 8.73 10.38
C GLU A 1 19.17 8.64 11.26
N VAL A 2 18.18 9.47 10.95
CA VAL A 2 16.94 9.52 11.72
C VAL A 2 15.95 8.53 11.12
N GLN A 3 15.43 7.63 11.96
CA GLN A 3 14.48 6.61 11.53
C GLN A 3 13.38 6.49 12.58
N LEU A 4 12.13 6.61 12.14
CA LEU A 4 10.97 6.47 13.02
C LEU A 4 10.41 5.06 12.85
N GLN A 5 10.33 4.32 13.96
CA GLN A 5 9.82 2.96 13.97
C GLN A 5 8.58 2.91 14.84
N GLN A 6 7.45 2.56 14.25
CA GLN A 6 6.19 2.47 14.96
C GLN A 6 5.87 1.02 15.31
N SER A 7 4.96 0.85 16.26
CA SER A 7 4.56 -0.48 16.68
C SER A 7 3.79 -1.19 15.57
N GLY A 8 3.59 -2.50 15.76
CA GLY A 8 2.99 -3.32 14.73
C GLY A 8 1.49 -3.13 14.61
N ALA A 9 0.94 -3.72 13.55
CA ALA A 9 -0.50 -3.63 13.28
C ALA A 9 -1.29 -4.24 14.43
N GLU A 10 -2.48 -3.70 14.65
CA GLU A 10 -3.31 -4.09 15.78
C GLU A 10 -4.72 -4.43 15.32
N LEU A 11 -5.37 -5.29 16.11
CA LEU A 11 -6.80 -5.56 15.99
C LEU A 11 -7.40 -5.37 17.38
N VAL A 12 -8.30 -4.40 17.50
CA VAL A 12 -8.86 -4.02 18.79
C VAL A 12 -10.38 -4.21 18.77
N LYS A 13 -10.93 -4.49 19.94
CA LYS A 13 -12.37 -4.63 20.07
C LYS A 13 -13.01 -3.26 20.27
N PRO A 14 -14.28 -3.10 19.87
CA PRO A 14 -14.95 -1.81 20.08
C PRO A 14 -15.03 -1.46 21.56
N GLY A 15 -14.81 -0.18 21.85
CA GLY A 15 -14.81 0.30 23.21
C GLY A 15 -13.54 0.01 23.99
N ALA A 16 -12.62 -0.79 23.44
CA ALA A 16 -11.37 -1.06 24.10
C ALA A 16 -10.40 0.11 23.87
N SER A 17 -9.19 -0.04 24.40
CA SER A 17 -8.15 0.98 24.26
C SER A 17 -6.90 0.37 23.66
N VAL A 18 -6.10 1.21 23.01
CA VAL A 18 -4.85 0.79 22.41
C VAL A 18 -3.84 1.92 22.56
N LYS A 19 -2.58 1.55 22.77
CA LYS A 19 -1.48 2.51 22.92
C LYS A 19 -0.45 2.23 21.84
N LEU A 20 -0.32 3.14 20.89
CA LEU A 20 0.65 3.00 19.82
C LEU A 20 1.96 3.70 20.20
N SER A 21 3.06 3.13 19.75
CA SER A 21 4.39 3.64 20.08
C SER A 21 5.10 4.12 18.82
N CYS A 22 5.96 5.12 19.00
CA CYS A 22 6.76 5.69 17.91
C CYS A 22 8.15 5.97 18.49
N THR A 23 9.09 5.07 18.24
CA THR A 23 10.43 5.15 18.79
C THR A 23 11.36 5.80 17.76
N ALA A 24 12.00 6.90 18.15
CA ALA A 24 12.94 7.60 17.28
C ALA A 24 14.36 7.13 17.55
N SER A 25 15.12 6.93 16.47
CA SER A 25 16.52 6.57 16.55
C SER A 25 17.35 7.59 15.78
N GLY A 26 18.54 7.88 16.28
CA GLY A 26 19.41 8.83 15.61
C GLY A 26 19.02 10.28 15.79
N PHE A 27 18.17 10.59 16.77
CA PHE A 27 17.76 11.97 17.03
C PHE A 27 17.08 12.08 18.38
N ASN A 28 17.64 12.89 19.27
CA ASN A 28 17.03 13.15 20.57
C ASN A 28 15.73 13.92 20.37
N ILE A 29 14.62 13.38 20.88
CA ILE A 29 13.31 13.96 20.62
C ILE A 29 13.02 15.22 21.42
N LYS A 30 13.93 15.63 22.31
CA LYS A 30 13.74 16.89 23.03
C LYS A 30 13.82 18.10 22.10
N ASP A 31 14.42 17.94 20.92
CA ASP A 31 14.53 19.01 19.94
C ASP A 31 13.38 19.04 18.96
N THR A 32 12.34 18.22 19.17
CA THR A 32 11.31 18.02 18.18
C THR A 32 9.93 18.37 18.72
N TYR A 33 9.00 18.53 17.78
CA TYR A 33 7.58 18.35 18.02
C TYR A 33 7.18 17.05 17.34
N ILE A 34 6.53 16.16 18.08
CA ILE A 34 6.10 14.87 17.56
C ILE A 34 4.62 14.96 17.21
N TYR A 35 4.27 14.58 15.98
CA TYR A 35 2.91 14.63 15.49
C TYR A 35 2.34 13.23 15.33
N TRP A 36 1.03 13.13 15.47
CA TRP A 36 0.27 11.93 15.13
C TRP A 36 -0.82 12.32 14.14
N VAL A 37 -0.90 11.60 13.03
CA VAL A 37 -1.97 11.79 12.05
C VAL A 37 -2.53 10.41 11.71
N ARG A 38 -3.76 10.41 11.21
CA ARG A 38 -4.44 9.19 10.81
C ARG A 38 -4.95 9.33 9.39
N GLN A 39 -5.08 8.20 8.71
CA GLN A 39 -5.58 8.15 7.34
C GLN A 39 -6.76 7.18 7.28
N ARG A 40 -7.89 7.67 6.79
CA ARG A 40 -9.11 6.89 6.66
C ARG A 40 -9.59 6.94 5.22
N PRO A 41 -10.39 5.96 4.80
CA PRO A 41 -10.83 5.93 3.39
C PRO A 41 -11.54 7.20 2.94
N GLU A 42 -12.50 7.70 3.72
CA GLU A 42 -13.24 8.88 3.32
C GLU A 42 -12.62 10.18 3.85
N GLN A 43 -12.39 10.24 5.17
CA GLN A 43 -11.92 11.48 5.80
C GLN A 43 -10.52 11.88 5.37
N GLY A 44 -9.80 11.02 4.66
CA GLY A 44 -8.46 11.38 4.22
C GLY A 44 -7.50 11.50 5.38
N LEU A 45 -6.48 12.34 5.20
CA LEU A 45 -5.47 12.55 6.23
C LEU A 45 -5.99 13.53 7.28
N GLU A 46 -5.96 13.10 8.54
CA GLU A 46 -6.51 13.89 9.64
C GLU A 46 -5.44 14.08 10.71
N TRP A 47 -5.18 15.35 11.05
CA TRP A 47 -4.26 15.68 12.12
C TRP A 47 -4.88 15.33 13.47
N ILE A 48 -4.14 14.60 14.29
CA ILE A 48 -4.63 14.18 15.61
C ILE A 48 -4.12 15.10 16.71
N GLY A 49 -2.81 15.27 16.80
CA GLY A 49 -2.26 16.10 17.85
C GLY A 49 -0.75 16.21 17.72
N ARG A 50 -0.16 16.92 18.69
CA ARG A 50 1.27 17.19 18.71
C ARG A 50 1.74 17.26 20.15
N ILE A 51 2.93 16.74 20.42
CA ILE A 51 3.55 16.82 21.73
C ILE A 51 4.94 17.42 21.61
N ASP A 52 5.33 18.19 22.61
CA ASP A 52 6.70 18.67 22.77
C ASP A 52 7.35 17.84 23.88
N PRO A 53 8.19 16.85 23.56
CA PRO A 53 8.76 16.01 24.62
C PRO A 53 9.73 16.75 25.53
N ALA A 54 10.13 17.97 25.19
CA ALA A 54 11.00 18.73 26.08
C ALA A 54 10.26 19.20 27.33
N ASN A 55 8.94 19.42 27.22
CA ASN A 55 8.15 19.88 28.34
C ASN A 55 6.83 19.13 28.52
N GLY A 56 6.41 18.33 27.55
CA GLY A 56 5.16 17.60 27.65
C GLY A 56 3.93 18.34 27.21
N ASN A 57 4.08 19.54 26.66
CA ASN A 57 2.92 20.31 26.19
C ASN A 57 2.31 19.63 24.98
N THR A 58 0.98 19.51 24.98
CA THR A 58 0.25 18.83 23.93
C THR A 58 -0.81 19.75 23.34
N LYS A 59 -0.98 19.67 22.02
CA LYS A 59 -2.01 20.42 21.31
C LYS A 59 -2.81 19.42 20.47
N TYR A 60 -4.10 19.31 20.75
CA TYR A 60 -4.96 18.32 20.11
C TYR A 60 -5.95 18.97 19.17
N ASP A 61 -6.42 18.19 18.22
CA ASP A 61 -7.62 18.54 17.47
C ASP A 61 -8.82 18.35 18.40
N PRO A 62 -9.59 19.39 18.70
CA PRO A 62 -10.69 19.25 19.67
C PRO A 62 -11.71 18.18 19.30
N LYS A 63 -11.68 17.65 18.08
CA LYS A 63 -12.60 16.57 17.71
C LYS A 63 -12.22 15.26 18.40
N VAL A 64 -10.93 15.04 18.64
CA VAL A 64 -10.45 13.82 19.28
C VAL A 64 -9.97 14.07 20.70
N GLN A 65 -10.21 15.27 21.24
CA GLN A 65 -9.81 15.57 22.60
C GLN A 65 -10.59 14.70 23.58
N GLY A 66 -9.87 14.06 24.50
CA GLY A 66 -10.48 13.12 25.43
C GLY A 66 -10.31 11.68 24.98
N LYS A 67 -10.46 11.44 23.68
CA LYS A 67 -10.30 10.10 23.14
C LYS A 67 -8.85 9.76 22.82
N ALA A 68 -8.01 10.77 22.59
CA ALA A 68 -6.60 10.57 22.26
C ALA A 68 -5.73 11.29 23.28
N THR A 69 -4.66 10.63 23.70
CA THR A 69 -3.73 11.20 24.67
C THR A 69 -2.32 10.88 24.23
N ILE A 70 -1.52 11.90 23.96
CA ILE A 70 -0.15 11.74 23.48
C ILE A 70 0.81 11.98 24.63
N THR A 71 1.70 11.02 24.87
CA THR A 71 2.76 11.14 25.86
C THR A 71 4.10 10.88 25.20
N ALA A 72 5.17 11.15 25.94
CA ALA A 72 6.52 10.93 25.43
C ALA A 72 7.44 10.53 26.58
N ASP A 73 8.39 9.66 26.29
CA ASP A 73 9.41 9.24 27.24
C ASP A 73 10.75 9.57 26.59
N THR A 74 11.36 10.67 27.03
CA THR A 74 12.62 11.10 26.43
C THR A 74 13.75 10.12 26.68
N SER A 75 13.65 9.32 27.75
CA SER A 75 14.68 8.33 28.04
C SER A 75 14.77 7.29 26.93
N SER A 76 13.63 6.80 26.45
CA SER A 76 13.59 5.83 25.37
C SER A 76 13.50 6.49 23.99
N ASN A 77 13.44 7.82 23.93
CA ASN A 77 13.25 8.56 22.68
C ASN A 77 12.01 8.06 21.95
N THR A 78 10.92 7.93 22.70
CA THR A 78 9.71 7.29 22.22
C THR A 78 8.49 8.14 22.58
N ALA A 79 7.60 8.34 21.61
CA ALA A 79 6.33 8.99 21.83
C ALA A 79 5.20 7.98 21.69
N TYR A 80 4.09 8.24 22.37
CA TYR A 80 2.98 7.30 22.43
C TYR A 80 1.68 7.98 22.05
N LEU A 81 0.77 7.21 21.46
CA LEU A 81 -0.59 7.65 21.18
C LEU A 81 -1.55 6.65 21.83
N GLN A 82 -2.21 7.09 22.90
CA GLN A 82 -3.19 6.27 23.62
C GLN A 82 -4.58 6.62 23.11
N LEU A 83 -5.27 5.62 22.58
CA LEU A 83 -6.63 5.78 22.07
C LEU A 83 -7.59 5.07 23.00
N SER A 84 -8.65 5.77 23.42
CA SER A 84 -9.61 5.25 24.39
C SER A 84 -11.00 5.20 23.77
N SER A 85 -11.80 4.24 24.24
CA SER A 85 -13.18 4.05 23.80
C SER A 85 -13.26 3.97 22.27
N LEU A 86 -12.50 3.03 21.72
CA LEU A 86 -12.41 2.89 20.27
C LEU A 86 -13.76 2.51 19.69
N THR A 87 -14.19 3.26 18.68
CA THR A 87 -15.39 2.97 17.91
C THR A 87 -14.98 2.41 16.55
N PHE A 88 -15.98 1.88 15.83
CA PHE A 88 -15.71 1.31 14.51
C PHE A 88 -15.14 2.35 13.55
N GLU A 89 -15.45 3.63 13.77
CA GLU A 89 -14.95 4.69 12.91
C GLU A 89 -13.49 5.00 13.13
N ASP A 90 -12.86 4.41 14.15
CA ASP A 90 -11.46 4.68 14.46
C ASP A 90 -10.50 3.79 13.69
N THR A 91 -11.01 2.88 12.85
CA THR A 91 -10.15 2.08 11.99
C THR A 91 -9.41 3.01 11.02
N ALA A 92 -8.08 2.95 11.06
CA ALA A 92 -7.26 3.85 10.26
C ALA A 92 -5.81 3.39 10.35
N VAL A 93 -4.98 3.97 9.49
CA VAL A 93 -3.53 3.88 9.62
C VAL A 93 -3.06 5.11 10.36
N TYR A 94 -2.37 4.91 11.47
CA TYR A 94 -1.93 6.00 12.33
C TYR A 94 -0.44 6.24 12.12
N TYR A 95 -0.10 7.44 11.69
CA TYR A 95 1.28 7.82 11.43
C TYR A 95 1.80 8.71 12.55
N CYS A 96 3.06 8.50 12.92
CA CYS A 96 3.78 9.44 13.77
C CYS A 96 4.76 10.22 12.91
N ALA A 97 4.94 11.50 13.22
CA ALA A 97 5.78 12.37 12.41
C ALA A 97 6.68 13.19 13.32
N LEU A 98 7.87 13.52 12.81
CA LEU A 98 8.88 14.24 13.56
C LEU A 98 9.31 15.47 12.77
N GLU A 99 9.42 16.60 13.47
CA GLU A 99 9.90 17.83 12.87
C GLU A 99 10.83 18.53 13.85
N HIS A 100 11.85 19.20 13.31
CA HIS A 100 12.77 20.01 14.10
C HIS A 100 12.34 21.48 14.14
N GLY A 101 12.25 22.12 12.96
CA GLY A 101 11.78 23.48 12.90
C GLY A 101 12.53 24.38 11.94
N TYR A 102 13.71 23.95 11.47
CA TYR A 102 14.47 24.78 10.54
C TYR A 102 13.81 24.79 9.17
N TYR A 103 13.40 23.61 8.68
CA TYR A 103 12.53 23.52 7.51
C TYR A 103 11.06 23.48 7.89
N ASP A 104 10.77 23.17 9.17
CA ASP A 104 9.55 23.56 9.89
C ASP A 104 8.27 22.90 9.40
N VAL A 105 8.34 21.71 8.79
CA VAL A 105 7.15 20.87 8.66
C VAL A 105 7.58 19.41 8.75
N MET A 106 6.64 18.54 9.16
CA MET A 106 6.84 17.10 9.27
C MET A 106 7.66 16.53 8.14
N ASP A 107 8.98 16.43 8.33
CA ASP A 107 9.89 15.94 7.30
C ASP A 107 10.27 14.48 7.48
N TYR A 108 10.11 13.93 8.69
CA TYR A 108 10.40 12.52 8.96
C TYR A 108 9.14 11.85 9.47
N TRP A 109 8.70 10.81 8.76
CA TRP A 109 7.46 10.10 9.07
C TRP A 109 7.77 8.66 9.42
N GLY A 110 6.97 8.12 10.34
CA GLY A 110 7.02 6.69 10.60
C GLY A 110 6.34 5.91 9.49
N GLN A 111 6.48 4.58 9.56
CA GLN A 111 5.89 3.72 8.54
C GLN A 111 4.39 3.55 8.72
N GLY A 112 3.82 4.03 9.81
CA GLY A 112 2.39 3.90 10.04
C GLY A 112 2.04 2.61 10.75
N THR A 113 0.95 2.67 11.51
CA THR A 113 0.42 1.51 12.24
C THR A 113 -1.05 1.37 11.90
N SER A 114 -1.41 0.22 11.31
CA SER A 114 -2.80 -0.02 10.94
C SER A 114 -3.57 -0.58 12.14
N VAL A 115 -4.63 0.11 12.52
CA VAL A 115 -5.48 -0.30 13.63
C VAL A 115 -6.87 -0.61 13.07
N THR A 116 -7.33 -1.83 13.29
CA THR A 116 -8.65 -2.26 12.85
C THR A 116 -9.54 -2.47 14.07
N VAL A 117 -10.64 -1.74 14.14
CA VAL A 117 -11.62 -1.88 15.20
C VAL A 117 -12.70 -2.84 14.73
N SER A 118 -12.80 -3.99 15.39
CA SER A 118 -13.75 -5.02 15.00
C SER A 118 -13.99 -5.97 16.16
N SER A 119 -15.16 -6.59 16.16
CA SER A 119 -15.47 -7.64 17.13
C SER A 119 -15.00 -9.02 16.67
N ALA A 120 -14.72 -9.18 15.38
CA ALA A 120 -14.27 -10.46 14.87
C ALA A 120 -12.87 -10.79 15.37
N SER A 121 -12.57 -12.08 15.48
CA SER A 121 -11.29 -12.54 15.97
C SER A 121 -10.26 -12.57 14.84
N THR A 122 -9.00 -12.41 15.22
CA THR A 122 -7.92 -12.49 14.25
C THR A 122 -7.78 -13.92 13.72
N LYS A 123 -7.28 -14.03 12.49
CA LYS A 123 -6.96 -15.33 11.91
C LYS A 123 -5.63 -15.21 11.18
N GLY A 124 -4.72 -16.14 11.47
CA GLY A 124 -3.43 -16.16 10.82
C GLY A 124 -3.50 -16.78 9.45
N PRO A 125 -2.75 -16.23 8.50
CA PRO A 125 -2.82 -16.74 7.13
C PRO A 125 -2.00 -18.01 6.94
N SER A 126 -2.42 -18.79 5.96
CA SER A 126 -1.55 -19.82 5.39
C SER A 126 -0.74 -19.21 4.26
N VAL A 127 0.48 -19.69 4.10
CA VAL A 127 1.40 -19.19 3.09
C VAL A 127 1.77 -20.36 2.18
N PHE A 128 1.33 -20.29 0.92
CA PHE A 128 1.60 -21.33 -0.05
C PHE A 128 2.50 -20.81 -1.16
N PRO A 129 3.37 -21.65 -1.70
CA PRO A 129 4.24 -21.20 -2.79
C PRO A 129 3.52 -21.18 -4.13
N LEU A 130 3.85 -20.19 -4.94
CA LEU A 130 3.48 -20.14 -6.34
C LEU A 130 4.75 -20.45 -7.12
N ALA A 131 4.97 -21.73 -7.38
CA ALA A 131 6.27 -22.20 -7.86
C ALA A 131 6.49 -21.83 -9.32
N PRO A 132 7.71 -21.46 -9.70
CA PRO A 132 8.01 -21.25 -11.12
C PRO A 132 7.93 -22.56 -11.88
N SER A 133 7.35 -22.49 -13.07
CA SER A 133 7.14 -23.66 -13.91
C SER A 133 7.11 -23.22 -15.36
N SER A 134 7.02 -24.20 -16.27
CA SER A 134 6.91 -23.87 -17.69
C SER A 134 5.68 -23.02 -18.00
N LYS A 135 4.68 -23.04 -17.12
CA LYS A 135 3.46 -22.27 -17.32
C LYS A 135 3.54 -20.86 -16.75
N SER A 136 4.67 -20.48 -16.15
CA SER A 136 4.87 -19.13 -15.64
C SER A 136 6.15 -18.50 -16.16
N THR A 137 6.70 -19.03 -17.26
CA THR A 137 7.91 -18.51 -17.87
C THR A 137 7.67 -18.14 -19.32
N SER A 138 8.35 -17.07 -19.76
CA SER A 138 8.34 -16.66 -21.16
C SER A 138 9.49 -15.69 -21.38
N GLY A 139 10.15 -15.82 -22.51
CA GLY A 139 11.19 -14.89 -22.89
C GLY A 139 12.38 -14.85 -21.95
N GLY A 140 12.70 -15.98 -21.30
CA GLY A 140 13.83 -16.04 -20.41
C GLY A 140 13.56 -15.57 -18.99
N THR A 141 12.34 -15.16 -18.67
CA THR A 141 11.98 -14.73 -17.34
C THR A 141 10.98 -15.72 -16.73
N ALA A 142 11.06 -15.88 -15.41
CA ALA A 142 10.20 -16.79 -14.67
C ALA A 142 9.44 -16.02 -13.61
N ALA A 143 8.14 -16.26 -13.53
CA ALA A 143 7.31 -15.68 -12.47
C ALA A 143 7.13 -16.70 -11.36
N LEU A 144 7.32 -16.24 -10.12
CA LEU A 144 7.08 -17.07 -8.94
C LEU A 144 6.48 -16.16 -7.88
N GLY A 145 5.95 -16.77 -6.82
CA GLY A 145 5.37 -15.95 -5.78
C GLY A 145 4.90 -16.74 -4.59
N CYS A 146 4.12 -16.07 -3.76
CA CYS A 146 3.54 -16.66 -2.56
C CYS A 146 2.09 -16.26 -2.45
N LEU A 147 1.25 -17.21 -2.04
CA LEU A 147 -0.17 -17.00 -1.84
C LEU A 147 -0.43 -16.95 -0.34
N VAL A 148 -0.85 -15.80 0.16
CA VAL A 148 -1.10 -15.58 1.58
C VAL A 148 -2.62 -15.62 1.75
N LYS A 149 -3.13 -16.76 2.22
CA LYS A 149 -4.56 -17.06 2.14
C LYS A 149 -5.20 -17.09 3.53
N ASP A 150 -6.41 -16.53 3.61
CA ASP A 150 -7.30 -16.66 4.77
C ASP A 150 -6.75 -16.02 6.04
N TYR A 151 -6.76 -14.68 6.09
CA TYR A 151 -6.32 -13.99 7.29
C TYR A 151 -7.26 -12.82 7.59
N PHE A 152 -7.20 -12.38 8.84
CA PHE A 152 -7.94 -11.21 9.30
C PHE A 152 -7.23 -10.63 10.51
N PRO A 153 -7.08 -9.32 10.60
CA PRO A 153 -7.48 -8.30 9.63
C PRO A 153 -6.34 -7.95 8.70
N GLU A 154 -6.52 -6.97 7.83
CA GLU A 154 -5.38 -6.34 7.18
C GLU A 154 -4.55 -5.62 8.24
N PRO A 155 -3.25 -5.40 7.98
CA PRO A 155 -2.49 -5.76 6.78
C PRO A 155 -1.56 -6.95 6.94
N VAL A 156 -1.06 -7.44 5.82
CA VAL A 156 0.00 -8.44 5.76
C VAL A 156 1.19 -7.80 5.07
N THR A 157 2.39 -8.04 5.59
CA THR A 157 3.62 -7.53 5.01
C THR A 157 4.34 -8.67 4.31
N VAL A 158 4.79 -8.43 3.08
CA VAL A 158 5.51 -9.41 2.29
C VAL A 158 6.80 -8.78 1.78
N SER A 159 7.94 -9.38 2.12
CA SER A 159 9.22 -9.04 1.53
C SER A 159 9.80 -10.29 0.88
N TRP A 160 10.79 -10.08 0.03
CA TRP A 160 11.44 -11.18 -0.69
C TRP A 160 12.93 -11.18 -0.37
N ASN A 161 13.44 -12.35 0.02
CA ASN A 161 14.84 -12.54 0.38
C ASN A 161 15.28 -11.51 1.41
N SER A 162 14.44 -11.34 2.44
CA SER A 162 14.69 -10.41 3.55
C SER A 162 14.91 -8.99 3.07
N GLY A 163 14.24 -8.60 1.98
CA GLY A 163 14.36 -7.27 1.43
C GLY A 163 15.41 -7.10 0.35
N ALA A 164 16.24 -8.12 0.11
CA ALA A 164 17.28 -7.99 -0.92
C ALA A 164 16.71 -8.04 -2.32
N LEU A 165 15.51 -8.57 -2.50
CA LEU A 165 14.87 -8.70 -3.81
C LEU A 165 13.68 -7.74 -3.85
N THR A 166 13.77 -6.72 -4.70
CA THR A 166 12.72 -5.72 -4.79
C THR A 166 12.31 -5.48 -6.24
N SER A 167 13.23 -5.67 -7.18
CA SER A 167 12.92 -5.46 -8.58
C SER A 167 11.94 -6.51 -9.09
N GLY A 168 10.94 -6.06 -9.84
CA GLY A 168 9.97 -6.96 -10.42
C GLY A 168 8.96 -7.54 -9.46
N VAL A 169 8.92 -7.05 -8.23
CA VAL A 169 7.99 -7.58 -7.23
C VAL A 169 6.63 -6.92 -7.38
N HIS A 170 5.56 -7.71 -7.30
CA HIS A 170 4.20 -7.20 -7.30
C HIS A 170 3.44 -7.86 -6.15
N THR A 171 3.14 -7.08 -5.12
CA THR A 171 2.29 -7.52 -4.01
C THR A 171 0.91 -6.90 -4.21
N PHE A 172 -0.05 -7.74 -4.56
CA PHE A 172 -1.35 -7.26 -5.00
C PHE A 172 -2.22 -6.86 -3.81
N PRO A 173 -3.19 -5.97 -4.04
CA PRO A 173 -4.17 -5.65 -2.99
C PRO A 173 -4.91 -6.91 -2.56
N ALA A 174 -5.21 -6.97 -1.26
CA ALA A 174 -5.94 -8.11 -0.73
C ALA A 174 -7.37 -8.10 -1.24
N VAL A 175 -7.95 -9.30 -1.37
CA VAL A 175 -9.34 -9.49 -1.75
C VAL A 175 -10.10 -10.01 -0.55
N LEU A 176 -11.35 -9.58 -0.42
CA LEU A 176 -12.22 -10.01 0.67
C LEU A 176 -13.00 -11.23 0.20
N GLN A 177 -12.74 -12.38 0.83
CA GLN A 177 -13.47 -13.59 0.50
C GLN A 177 -14.84 -13.57 1.17
N SER A 178 -15.72 -14.48 0.72
CA SER A 178 -17.08 -14.52 1.25
C SER A 178 -17.10 -14.72 2.77
N SER A 179 -16.13 -15.47 3.30
CA SER A 179 -16.05 -15.72 4.73
C SER A 179 -15.67 -14.50 5.55
N GLY A 180 -15.39 -13.37 4.91
CA GLY A 180 -14.87 -12.22 5.62
C GLY A 180 -13.37 -12.24 5.84
N LEU A 181 -12.69 -13.31 5.43
CA LEU A 181 -11.24 -13.39 5.51
C LEU A 181 -10.62 -12.79 4.25
N TYR A 182 -9.36 -12.36 4.39
CA TYR A 182 -8.62 -11.75 3.30
C TYR A 182 -7.68 -12.76 2.66
N SER A 183 -7.30 -12.47 1.42
CA SER A 183 -6.28 -13.22 0.70
C SER A 183 -5.52 -12.26 -0.20
N LEU A 184 -4.21 -12.45 -0.31
CA LEU A 184 -3.43 -11.70 -1.28
C LEU A 184 -2.36 -12.61 -1.85
N SER A 185 -1.80 -12.18 -2.97
CA SER A 185 -0.67 -12.84 -3.60
C SER A 185 0.45 -11.83 -3.80
N SER A 186 1.68 -12.32 -3.75
CA SER A 186 2.87 -11.52 -4.03
C SER A 186 3.72 -12.29 -5.01
N VAL A 187 4.09 -11.65 -6.12
CA VAL A 187 4.82 -12.33 -7.19
C VAL A 187 6.06 -11.52 -7.55
N VAL A 188 7.02 -12.19 -8.19
CA VAL A 188 8.24 -11.56 -8.66
C VAL A 188 8.70 -12.32 -9.89
N THR A 189 9.28 -11.58 -10.84
CA THR A 189 9.85 -12.16 -12.05
C THR A 189 11.37 -12.19 -11.93
N VAL A 190 11.97 -13.33 -12.24
CA VAL A 190 13.40 -13.56 -12.08
C VAL A 190 13.94 -14.22 -13.35
N PRO A 191 15.26 -14.25 -13.55
CA PRO A 191 15.80 -15.00 -14.69
C PRO A 191 15.53 -16.49 -14.55
N SER A 192 15.04 -17.10 -15.63
CA SER A 192 14.83 -18.53 -15.64
C SER A 192 16.15 -19.29 -15.64
N SER A 193 17.23 -18.67 -16.11
CA SER A 193 18.50 -19.37 -16.24
C SER A 193 19.15 -19.67 -14.89
N SER A 194 18.85 -18.86 -13.87
CA SER A 194 19.50 -18.98 -12.57
C SER A 194 18.60 -19.55 -11.49
N LEU A 195 17.50 -20.20 -11.88
CA LEU A 195 16.61 -20.81 -10.88
C LEU A 195 17.32 -21.89 -10.08
N GLY A 196 18.38 -22.49 -10.64
CA GLY A 196 19.11 -23.54 -9.94
C GLY A 196 20.20 -23.03 -9.00
N THR A 197 20.57 -21.76 -9.12
CA THR A 197 21.61 -21.20 -8.27
C THR A 197 21.12 -20.16 -7.28
N GLN A 198 20.00 -19.52 -7.55
CA GLN A 198 19.45 -18.49 -6.66
C GLN A 198 18.33 -19.08 -5.80
N THR A 199 18.15 -18.49 -4.62
CA THR A 199 17.14 -18.92 -3.68
C THR A 199 16.16 -17.77 -3.43
N TYR A 200 14.87 -18.08 -3.48
CA TYR A 200 13.82 -17.08 -3.37
C TYR A 200 12.91 -17.42 -2.19
N ILE A 201 12.88 -16.52 -1.21
CA ILE A 201 12.14 -16.73 0.02
C ILE A 201 11.23 -15.52 0.23
N CYS A 202 9.93 -15.76 0.37
CA CYS A 202 9.00 -14.70 0.72
C CYS A 202 8.84 -14.66 2.25
N ASN A 203 9.01 -13.47 2.82
CA ASN A 203 8.91 -13.28 4.26
C ASN A 203 7.56 -12.62 4.55
N VAL A 204 6.67 -13.34 5.21
CA VAL A 204 5.29 -12.91 5.42
C VAL A 204 5.09 -12.64 6.91
N ASN A 205 4.64 -11.43 7.23
CA ASN A 205 4.33 -11.05 8.60
C ASN A 205 2.87 -10.64 8.69
N HIS A 206 2.16 -11.23 9.64
CA HIS A 206 0.80 -10.81 10.01
C HIS A 206 0.81 -10.57 11.52
N LYS A 207 0.98 -9.31 11.91
CA LYS A 207 1.22 -8.99 13.31
C LYS A 207 0.06 -9.35 14.24
N PRO A 208 -1.22 -9.09 13.91
CA PRO A 208 -2.29 -9.41 14.88
C PRO A 208 -2.37 -10.88 15.26
N SER A 209 -1.87 -11.79 14.43
CA SER A 209 -1.88 -13.22 14.75
C SER A 209 -0.49 -13.75 15.08
N ASN A 210 0.49 -12.85 15.25
CA ASN A 210 1.88 -13.23 15.53
C ASN A 210 2.44 -14.17 14.45
N THR A 211 2.01 -13.99 13.22
CA THR A 211 2.46 -14.83 12.11
C THR A 211 3.72 -14.25 11.49
N LYS A 212 4.78 -15.06 11.44
CA LYS A 212 6.02 -14.69 10.76
C LYS A 212 6.53 -15.95 10.05
N VAL A 213 6.44 -15.96 8.72
CA VAL A 213 6.71 -17.14 7.92
C VAL A 213 7.70 -16.77 6.83
N ASP A 214 8.69 -17.65 6.63
CA ASP A 214 9.65 -17.54 5.52
C ASP A 214 9.48 -18.79 4.66
N LYS A 215 8.77 -18.64 3.54
CA LYS A 215 8.48 -19.76 2.64
C LYS A 215 9.46 -19.75 1.48
N ARG A 216 10.23 -20.83 1.35
CA ARG A 216 11.10 -21.01 0.21
C ARG A 216 10.28 -21.48 -0.99
N VAL A 217 10.42 -20.77 -2.11
CA VAL A 217 9.66 -21.08 -3.32
C VAL A 217 10.62 -21.75 -4.28
N GLU A 218 10.49 -23.08 -4.44
CA GLU A 218 11.33 -23.94 -5.25
C GLU A 218 10.67 -24.21 -6.60
N PRO A 219 11.46 -24.36 -7.66
CA PRO A 219 10.89 -24.61 -8.99
C PRO A 219 10.21 -25.97 -9.07
N LYS A 220 9.45 -26.14 -10.15
CA LYS A 220 8.68 -27.37 -10.41
C LYS A 220 7.74 -27.69 -9.26
N ASP B 1 -12.15 24.60 11.61
CA ASP B 1 -12.59 24.00 10.37
C ASP B 1 -12.01 24.71 9.16
N ILE B 2 -10.71 24.95 9.17
CA ILE B 2 -10.02 25.49 8.00
C ILE B 2 -9.89 24.35 7.00
N VAL B 3 -10.69 24.41 5.93
CA VAL B 3 -10.79 23.32 4.98
C VAL B 3 -9.82 23.57 3.84
N MET B 4 -8.98 22.56 3.55
CA MET B 4 -8.11 22.57 2.38
C MET B 4 -8.78 21.73 1.31
N THR B 5 -9.23 22.38 0.23
CA THR B 5 -9.97 21.72 -0.84
C THR B 5 -9.06 21.56 -2.05
N GLN B 6 -8.90 20.32 -2.50
CA GLN B 6 -8.23 20.01 -3.76
C GLN B 6 -9.30 19.49 -4.71
N SER B 7 -9.70 20.33 -5.66
CA SER B 7 -10.84 20.01 -6.51
C SER B 7 -10.55 18.87 -7.47
N GLN B 8 -9.29 18.71 -7.89
CA GLN B 8 -8.90 17.65 -8.81
C GLN B 8 -8.60 16.39 -8.00
N LYS B 9 -9.53 15.44 -8.01
CA LYS B 9 -9.29 14.17 -7.33
C LYS B 9 -8.28 13.32 -8.07
N PHE B 10 -8.36 13.33 -9.41
CA PHE B 10 -7.41 12.62 -10.26
C PHE B 10 -6.95 13.56 -11.36
N MET B 11 -5.72 13.35 -11.83
CA MET B 11 -5.20 14.10 -12.97
C MET B 11 -4.38 13.16 -13.85
N SER B 12 -4.66 13.17 -15.15
CA SER B 12 -3.93 12.37 -16.11
C SER B 12 -2.89 13.24 -16.82
N THR B 13 -1.66 12.74 -16.87
CA THR B 13 -0.58 13.43 -17.56
C THR B 13 0.26 12.39 -18.30
N SER B 14 1.23 12.88 -19.06
CA SER B 14 2.16 12.03 -19.77
C SER B 14 3.58 12.30 -19.30
N VAL B 15 4.45 11.31 -19.48
CA VAL B 15 5.85 11.46 -19.10
C VAL B 15 6.44 12.62 -19.88
N GLY B 16 6.91 13.64 -19.16
CA GLY B 16 7.50 14.82 -19.76
C GLY B 16 6.63 16.05 -19.75
N ASP B 17 5.32 15.90 -19.52
CA ASP B 17 4.41 17.02 -19.52
C ASP B 17 4.47 17.75 -18.17
N ARG B 18 3.62 18.78 -18.03
CA ARG B 18 3.54 19.55 -16.81
C ARG B 18 2.11 19.46 -16.25
N VAL B 19 2.02 19.34 -14.93
CA VAL B 19 0.74 19.23 -14.23
C VAL B 19 0.76 20.18 -13.05
N SER B 20 -0.36 20.86 -12.82
CA SER B 20 -0.50 21.79 -11.70
C SER B 20 -1.62 21.30 -10.80
N VAL B 21 -1.30 21.06 -9.53
CA VAL B 21 -2.26 20.63 -8.52
C VAL B 21 -2.65 21.84 -7.69
N THR B 22 -3.96 22.08 -7.59
CA THR B 22 -4.48 23.25 -6.89
C THR B 22 -4.92 22.87 -5.48
N CYS B 23 -4.82 23.84 -4.57
CA CYS B 23 -5.23 23.65 -3.18
C CYS B 23 -5.96 24.90 -2.72
N LYS B 24 -7.20 24.72 -2.26
CA LYS B 24 -8.08 25.82 -1.88
C LYS B 24 -8.20 25.89 -0.36
N ALA B 25 -7.80 27.02 0.21
CA ALA B 25 -7.90 27.24 1.66
C ALA B 25 -9.16 28.04 1.96
N SER B 26 -9.97 27.54 2.89
CA SER B 26 -11.21 28.23 3.25
C SER B 26 -10.94 29.53 3.99
N GLN B 27 -9.78 29.67 4.62
CA GLN B 27 -9.38 30.91 5.28
C GLN B 27 -7.96 31.26 4.85
N ASN B 28 -7.58 32.51 5.11
CA ASN B 28 -6.23 32.96 4.78
C ASN B 28 -5.21 32.26 5.67
N VAL B 29 -4.18 31.68 5.06
CA VAL B 29 -3.15 30.96 5.81
C VAL B 29 -1.78 31.51 5.43
N ASP B 30 -1.77 32.67 4.78
CA ASP B 30 -0.54 33.36 4.37
C ASP B 30 0.25 32.41 3.47
N THR B 31 1.50 32.07 3.79
CA THR B 31 2.27 31.09 3.04
C THR B 31 2.58 29.86 3.88
N ASN B 32 1.86 29.66 4.99
CA ASN B 32 2.07 28.51 5.87
C ASN B 32 1.35 27.30 5.30
N VAL B 33 1.87 26.82 4.17
CA VAL B 33 1.30 25.68 3.45
C VAL B 33 2.43 24.77 3.01
N ALA B 34 2.27 23.48 3.25
CA ALA B 34 3.23 22.46 2.83
C ALA B 34 2.57 21.51 1.84
N TRP B 35 3.41 20.80 1.08
CA TRP B 35 2.95 19.84 0.09
C TRP B 35 3.62 18.49 0.37
N TYR B 36 2.82 17.43 0.31
CA TYR B 36 3.30 16.08 0.57
C TYR B 36 3.07 15.21 -0.66
N GLN B 37 3.89 14.17 -0.80
CA GLN B 37 3.75 13.16 -1.84
C GLN B 37 3.61 11.81 -1.18
N LYS B 38 2.51 11.12 -1.45
CA LYS B 38 2.22 9.81 -0.86
C LYS B 38 2.30 8.77 -1.97
N LYS B 39 3.43 8.09 -2.05
CA LYS B 39 3.59 6.98 -2.98
C LYS B 39 2.84 5.76 -2.44
N PRO B 40 2.43 4.85 -3.31
CA PRO B 40 1.72 3.65 -2.84
C PRO B 40 2.59 2.81 -1.91
N GLY B 41 1.97 2.34 -0.84
CA GLY B 41 2.66 1.49 0.12
C GLY B 41 3.75 2.17 0.93
N GLN B 42 3.85 3.50 0.86
CA GLN B 42 4.89 4.24 1.55
C GLN B 42 4.26 5.26 2.50
N SER B 43 5.11 5.87 3.32
CA SER B 43 4.71 6.96 4.18
C SER B 43 4.70 8.27 3.38
N PRO B 44 3.92 9.26 3.83
CA PRO B 44 3.96 10.57 3.18
C PRO B 44 5.36 11.18 3.25
N LYS B 45 5.75 11.85 2.17
CA LYS B 45 7.06 12.47 2.05
C LYS B 45 6.86 13.96 1.78
N ALA B 46 7.49 14.79 2.63
CA ALA B 46 7.31 16.24 2.56
C ALA B 46 8.09 16.80 1.38
N LEU B 47 7.40 17.46 0.45
CA LEU B 47 8.02 18.02 -0.73
C LEU B 47 8.39 19.49 -0.58
N ILE B 48 7.43 20.32 -0.18
CA ILE B 48 7.58 21.77 -0.17
C ILE B 48 7.13 22.32 1.17
N TYR B 49 7.81 23.37 1.65
CA TYR B 49 7.40 24.10 2.84
C TYR B 49 7.34 25.58 2.51
N SER B 50 6.59 26.31 3.33
CA SER B 50 6.38 27.74 3.14
C SER B 50 5.91 28.05 1.73
N ALA B 51 4.99 27.21 1.22
CA ALA B 51 4.30 27.39 -0.05
C ALA B 51 5.22 27.22 -1.27
N SER B 52 6.50 27.60 -1.16
CA SER B 52 7.34 27.63 -2.34
C SER B 52 8.79 27.20 -2.10
N TYR B 53 9.10 26.59 -0.96
CA TYR B 53 10.47 26.20 -0.64
C TYR B 53 10.57 24.68 -0.66
N ARG B 54 11.41 24.16 -1.57
CA ARG B 54 11.56 22.72 -1.70
C ARG B 54 12.54 22.18 -0.66
N TYR B 55 12.40 20.89 -0.37
CA TYR B 55 13.22 20.26 0.65
C TYR B 55 14.56 19.82 0.08
N SER B 56 15.48 19.46 0.97
CA SER B 56 16.79 18.98 0.56
C SER B 56 16.65 17.64 -0.17
N GLY B 57 17.11 17.60 -1.41
CA GLY B 57 17.02 16.41 -2.23
C GLY B 57 15.81 16.37 -3.15
N VAL B 58 14.81 17.20 -2.91
CA VAL B 58 13.64 17.26 -3.80
C VAL B 58 14.08 17.83 -5.15
N PRO B 59 13.73 17.19 -6.26
CA PRO B 59 14.17 17.70 -7.57
C PRO B 59 13.59 19.07 -7.86
N ASP B 60 14.28 19.80 -8.73
CA ASP B 60 13.85 21.14 -9.13
C ASP B 60 12.58 21.13 -9.97
N ARG B 61 12.09 19.95 -10.35
CA ARG B 61 10.87 19.85 -11.13
C ARG B 61 9.62 20.12 -10.32
N PHE B 62 9.70 20.01 -9.00
CA PHE B 62 8.56 20.29 -8.11
C PHE B 62 8.65 21.74 -7.65
N THR B 63 7.71 22.56 -8.10
CA THR B 63 7.66 23.96 -7.71
C THR B 63 6.30 24.28 -7.10
N GLY B 64 6.32 25.03 -6.02
CA GLY B 64 5.09 25.42 -5.33
C GLY B 64 4.90 26.92 -5.38
N SER B 65 3.64 27.35 -5.37
CA SER B 65 3.31 28.75 -5.49
C SER B 65 2.02 29.02 -4.74
N GLY B 66 1.74 30.30 -4.50
CA GLY B 66 0.49 30.69 -3.88
C GLY B 66 0.64 31.50 -2.61
N SER B 67 -0.40 32.24 -2.25
CA SER B 67 -0.42 33.03 -1.04
C SER B 67 -1.87 33.27 -0.65
N GLY B 68 -2.12 33.34 0.66
CA GLY B 68 -3.46 33.56 1.14
C GLY B 68 -4.32 32.32 1.15
N THR B 69 -5.12 32.13 0.09
CA THR B 69 -6.04 31.02 0.01
C THR B 69 -5.86 30.13 -1.22
N ASP B 70 -5.12 30.59 -2.23
CA ASP B 70 -4.94 29.84 -3.47
C ASP B 70 -3.49 29.37 -3.55
N PHE B 71 -3.31 28.05 -3.66
CA PHE B 71 -1.98 27.46 -3.72
C PHE B 71 -1.90 26.45 -4.85
N THR B 72 -0.69 26.23 -5.34
CA THR B 72 -0.47 25.40 -6.52
C THR B 72 0.86 24.67 -6.41
N LEU B 73 0.82 23.35 -6.61
CA LEU B 73 2.02 22.53 -6.72
C LEU B 73 2.20 22.16 -8.19
N THR B 74 3.34 22.54 -8.76
CA THR B 74 3.60 22.34 -10.19
C THR B 74 4.68 21.27 -10.36
N ILE B 75 4.38 20.27 -11.18
CA ILE B 75 5.30 19.19 -11.49
C ILE B 75 5.60 19.28 -12.99
N SER B 76 6.77 19.79 -13.33
CA SER B 76 7.23 19.85 -14.71
C SER B 76 8.13 18.65 -15.01
N ASN B 77 8.20 18.29 -16.29
CA ASN B 77 8.98 17.14 -16.74
C ASN B 77 8.61 15.90 -15.93
N VAL B 78 7.31 15.57 -15.97
CA VAL B 78 6.78 14.50 -15.15
C VAL B 78 7.48 13.19 -15.48
N GLN B 79 7.99 12.53 -14.44
CA GLN B 79 8.60 11.22 -14.57
C GLN B 79 7.64 10.14 -14.06
N SER B 80 7.86 8.91 -14.53
CA SER B 80 7.01 7.80 -14.10
C SER B 80 7.11 7.57 -12.60
N GLU B 81 8.23 7.95 -11.98
CA GLU B 81 8.37 7.86 -10.54
C GLU B 81 7.50 8.86 -9.80
N ASP B 82 6.91 9.82 -10.49
CA ASP B 82 6.04 10.81 -9.85
C ASP B 82 4.64 10.29 -9.57
N LEU B 83 4.34 9.04 -9.92
CA LEU B 83 3.05 8.46 -9.57
C LEU B 83 2.88 8.44 -8.05
N ALA B 84 1.89 9.18 -7.57
CA ALA B 84 1.62 9.28 -6.15
C ALA B 84 0.36 10.13 -5.96
N GLU B 85 -0.09 10.20 -4.72
CA GLU B 85 -1.12 11.14 -4.30
C GLU B 85 -0.42 12.34 -3.65
N TYR B 86 -0.86 13.54 -4.02
CA TYR B 86 -0.25 14.77 -3.53
C TYR B 86 -1.22 15.51 -2.63
N PHE B 87 -0.78 15.79 -1.41
CA PHE B 87 -1.60 16.43 -0.39
C PHE B 87 -1.01 17.79 -0.06
N CYS B 88 -1.87 18.80 -0.01
CA CYS B 88 -1.49 20.08 0.58
C CYS B 88 -1.89 20.09 2.05
N GLN B 89 -1.27 20.98 2.82
CA GLN B 89 -1.55 21.09 4.24
C GLN B 89 -1.25 22.50 4.70
N GLN B 90 -2.14 23.05 5.52
CA GLN B 90 -1.91 24.33 6.18
C GLN B 90 -1.45 24.07 7.61
N TYR B 91 -0.48 24.85 8.06
CA TYR B 91 -0.01 24.81 9.45
C TYR B 91 -0.04 26.21 10.06
N ASN B 92 -0.98 27.04 9.59
CA ASN B 92 -1.09 28.40 10.08
C ASN B 92 -1.87 28.49 11.38
N SER B 93 -2.85 27.62 11.58
CA SER B 93 -3.68 27.66 12.78
C SER B 93 -4.13 26.24 13.11
N TYR B 94 -4.26 25.98 14.42
CA TYR B 94 -4.73 24.68 14.89
C TYR B 94 -6.23 24.55 14.69
N PRO B 95 -6.71 23.35 14.35
CA PRO B 95 -5.94 22.13 14.07
C PRO B 95 -5.41 22.13 12.64
N TYR B 96 -4.22 21.61 12.42
CA TYR B 96 -3.68 21.53 11.06
C TYR B 96 -4.57 20.63 10.22
N THR B 97 -4.75 21.01 8.95
CA THR B 97 -5.67 20.29 8.08
C THR B 97 -4.98 19.97 6.76
N PHE B 98 -5.35 18.83 6.19
CA PHE B 98 -4.81 18.35 4.93
C PHE B 98 -5.87 18.45 3.83
N GLY B 99 -5.41 18.64 2.61
CA GLY B 99 -6.31 18.57 1.47
C GLY B 99 -6.75 17.15 1.20
N GLY B 100 -7.79 17.02 0.37
CA GLY B 100 -8.33 15.72 0.03
C GLY B 100 -7.38 14.85 -0.79
N GLY B 101 -6.38 15.45 -1.42
CA GLY B 101 -5.42 14.71 -2.18
C GLY B 101 -5.74 14.69 -3.66
N THR B 102 -4.70 14.57 -4.48
CA THR B 102 -4.84 14.50 -5.93
C THR B 102 -3.97 13.35 -6.43
N LYS B 103 -4.60 12.37 -7.08
CA LYS B 103 -3.91 11.20 -7.60
C LYS B 103 -3.41 11.48 -9.01
N LEU B 104 -2.12 11.28 -9.24
CA LEU B 104 -1.52 11.50 -10.55
C LEU B 104 -1.52 10.20 -11.33
N GLU B 105 -2.19 10.20 -12.49
CA GLU B 105 -2.19 9.08 -13.40
C GLU B 105 -1.34 9.42 -14.63
N ILE B 106 -0.57 8.46 -15.11
CA ILE B 106 0.29 8.65 -16.26
C ILE B 106 -0.24 7.80 -17.42
N LYS B 107 -0.49 8.45 -18.55
CA LYS B 107 -0.88 7.77 -19.77
C LYS B 107 0.37 7.31 -20.53
N ARG B 108 0.31 6.10 -21.06
CA ARG B 108 1.42 5.53 -21.82
C ARG B 108 0.84 4.72 -22.98
N THR B 109 1.72 4.09 -23.74
CA THR B 109 1.29 3.31 -24.88
C THR B 109 0.61 2.02 -24.42
N VAL B 110 -0.14 1.41 -25.34
CA VAL B 110 -0.79 0.14 -25.05
C VAL B 110 0.25 -0.95 -24.87
N ALA B 111 0.05 -1.78 -23.85
CA ALA B 111 0.92 -2.93 -23.60
C ALA B 111 0.05 -4.12 -23.25
N ALA B 112 0.22 -5.22 -23.98
CA ALA B 112 -0.54 -6.42 -23.73
C ALA B 112 0.01 -7.15 -22.52
N PRO B 113 -0.85 -7.83 -21.75
CA PRO B 113 -0.36 -8.52 -20.55
C PRO B 113 0.36 -9.81 -20.89
N SER B 114 1.38 -10.12 -20.11
CA SER B 114 1.95 -11.45 -20.08
C SER B 114 1.13 -12.29 -19.11
N VAL B 115 0.65 -13.45 -19.57
CA VAL B 115 -0.31 -14.24 -18.83
C VAL B 115 0.37 -15.51 -18.34
N PHE B 116 0.27 -15.76 -17.03
CA PHE B 116 0.86 -16.93 -16.40
C PHE B 116 -0.16 -17.57 -15.47
N ILE B 117 -0.04 -18.87 -15.28
CA ILE B 117 -0.98 -19.64 -14.46
C ILE B 117 -0.19 -20.50 -13.47
N PHE B 118 -0.72 -20.61 -12.26
CA PHE B 118 -0.09 -21.38 -11.20
C PHE B 118 -1.06 -22.42 -10.67
N PRO B 119 -0.77 -23.71 -10.80
CA PRO B 119 -1.61 -24.73 -10.18
C PRO B 119 -1.57 -24.62 -8.67
N PRO B 120 -2.51 -25.25 -7.97
CA PRO B 120 -2.46 -25.23 -6.50
C PRO B 120 -1.22 -25.95 -5.99
N SER B 121 -0.66 -25.43 -4.91
CA SER B 121 0.51 -26.04 -4.30
C SER B 121 0.13 -27.36 -3.64
N ASP B 122 1.12 -28.26 -3.53
CA ASP B 122 0.89 -29.50 -2.81
C ASP B 122 0.59 -29.22 -1.34
N GLU B 123 1.23 -28.20 -0.77
CA GLU B 123 0.96 -27.84 0.62
C GLU B 123 -0.51 -27.53 0.85
N GLN B 124 -1.11 -26.76 -0.05
CA GLN B 124 -2.53 -26.40 0.10
C GLN B 124 -3.42 -27.62 -0.13
N LEU B 125 -3.05 -28.50 -1.05
CA LEU B 125 -3.92 -29.62 -1.38
C LEU B 125 -4.09 -30.55 -0.19
N LYS B 126 -3.04 -30.74 0.61
CA LYS B 126 -3.18 -31.56 1.82
C LYS B 126 -4.12 -30.92 2.82
N SER B 127 -4.36 -29.61 2.72
CA SER B 127 -5.29 -28.92 3.62
C SER B 127 -6.73 -28.98 3.13
N GLY B 128 -6.99 -29.62 2.00
CA GLY B 128 -8.35 -29.79 1.50
C GLY B 128 -8.86 -28.69 0.61
N THR B 129 -8.02 -27.76 0.18
CA THR B 129 -8.44 -26.63 -0.63
C THR B 129 -7.47 -26.50 -1.80
N ALA B 130 -7.97 -25.99 -2.93
CA ALA B 130 -7.16 -25.82 -4.13
C ALA B 130 -7.43 -24.45 -4.72
N SER B 131 -6.40 -23.59 -4.74
CA SER B 131 -6.47 -22.28 -5.35
C SER B 131 -5.61 -22.25 -6.61
N VAL B 132 -6.19 -21.81 -7.72
CA VAL B 132 -5.47 -21.62 -8.98
C VAL B 132 -5.35 -20.13 -9.21
N VAL B 133 -4.14 -19.67 -9.53
CA VAL B 133 -3.83 -18.25 -9.65
C VAL B 133 -3.48 -17.95 -11.10
N CYS B 134 -4.19 -16.99 -11.69
CA CYS B 134 -3.87 -16.46 -13.00
C CYS B 134 -3.26 -15.08 -12.83
N LEU B 135 -2.10 -14.85 -13.46
CA LEU B 135 -1.34 -13.62 -13.29
C LEU B 135 -1.25 -12.89 -14.61
N LEU B 136 -1.62 -11.62 -14.61
CA LEU B 136 -1.53 -10.74 -15.76
C LEU B 136 -0.50 -9.66 -15.44
N ASN B 137 0.65 -9.70 -16.10
CA ASN B 137 1.80 -8.88 -15.74
C ASN B 137 1.99 -7.74 -16.73
N ASN B 138 2.07 -6.51 -16.21
CA ASN B 138 2.63 -5.36 -16.92
C ASN B 138 1.84 -5.04 -18.19
N PHE B 139 0.57 -4.65 -18.00
CA PHE B 139 -0.27 -4.28 -19.12
C PHE B 139 -0.78 -2.85 -18.95
N TYR B 140 -1.22 -2.28 -20.06
CA TYR B 140 -1.84 -0.96 -20.11
C TYR B 140 -2.71 -0.87 -21.35
N PRO B 141 -3.94 -0.32 -21.24
CA PRO B 141 -4.55 0.30 -20.06
C PRO B 141 -5.01 -0.69 -18.99
N ARG B 142 -5.63 -0.15 -17.94
CA ARG B 142 -5.95 -0.96 -16.76
C ARG B 142 -7.08 -1.95 -17.02
N GLU B 143 -8.01 -1.62 -17.91
CA GLU B 143 -9.17 -2.46 -18.15
C GLU B 143 -8.76 -3.79 -18.76
N ALA B 144 -9.17 -4.89 -18.13
CA ALA B 144 -8.88 -6.23 -18.62
C ALA B 144 -9.94 -7.17 -18.08
N LYS B 145 -10.16 -8.26 -18.80
CA LYS B 145 -11.19 -9.23 -18.42
C LYS B 145 -10.56 -10.61 -18.32
N VAL B 146 -10.79 -11.28 -17.20
CA VAL B 146 -10.31 -12.64 -16.94
C VAL B 146 -11.53 -13.54 -16.80
N GLN B 147 -11.51 -14.67 -17.51
CA GLN B 147 -12.56 -15.67 -17.39
C GLN B 147 -11.93 -17.02 -17.09
N TRP B 148 -12.45 -17.71 -16.08
CA TRP B 148 -11.97 -19.01 -15.70
C TRP B 148 -12.79 -20.10 -16.40
N LYS B 149 -12.09 -21.10 -16.93
CA LYS B 149 -12.72 -22.21 -17.62
C LYS B 149 -12.18 -23.52 -17.08
N VAL B 150 -13.08 -24.41 -16.66
CA VAL B 150 -12.73 -25.73 -16.14
C VAL B 150 -13.44 -26.76 -16.99
N ASP B 151 -12.66 -27.63 -17.65
CA ASP B 151 -13.19 -28.58 -18.62
C ASP B 151 -14.00 -27.85 -19.69
N ASN B 152 -13.51 -26.69 -20.10
CA ASN B 152 -14.14 -25.81 -21.09
C ASN B 152 -15.46 -25.24 -20.63
N ALA B 153 -15.76 -25.31 -19.33
CA ALA B 153 -16.98 -24.75 -18.77
C ALA B 153 -16.65 -23.43 -18.08
N LEU B 154 -17.31 -22.35 -18.52
CA LEU B 154 -17.08 -21.04 -17.93
C LEU B 154 -17.49 -21.06 -16.46
N GLN B 155 -16.58 -20.57 -15.60
CA GLN B 155 -16.82 -20.56 -14.17
C GLN B 155 -17.47 -19.24 -13.75
N SER B 156 -18.29 -19.31 -12.69
CA SER B 156 -18.96 -18.13 -12.18
C SER B 156 -19.10 -18.26 -10.66
N GLY B 157 -18.72 -17.20 -9.95
CA GLY B 157 -18.96 -17.12 -8.52
C GLY B 157 -17.96 -17.81 -7.64
N ASN B 158 -16.81 -18.22 -8.17
CA ASN B 158 -15.80 -18.91 -7.36
C ASN B 158 -14.42 -18.32 -7.54
N SER B 159 -14.33 -17.04 -7.88
CA SER B 159 -13.04 -16.41 -8.12
C SER B 159 -13.04 -14.99 -7.60
N GLN B 160 -11.84 -14.51 -7.24
CA GLN B 160 -11.62 -13.13 -6.82
C GLN B 160 -10.38 -12.61 -7.52
N GLU B 161 -10.38 -11.31 -7.82
CA GLU B 161 -9.26 -10.69 -8.52
C GLU B 161 -9.03 -9.29 -7.98
N SER B 162 -7.82 -8.78 -8.19
CA SER B 162 -7.47 -7.42 -7.81
C SER B 162 -6.37 -6.91 -8.73
N VAL B 163 -6.37 -5.60 -8.96
CA VAL B 163 -5.40 -4.96 -9.83
C VAL B 163 -4.49 -4.09 -8.97
N THR B 164 -3.22 -3.97 -9.38
CA THR B 164 -2.28 -3.15 -8.67
C THR B 164 -2.51 -1.67 -9.00
N GLU B 165 -1.85 -0.82 -8.21
CA GLU B 165 -1.66 0.57 -8.61
C GLU B 165 -0.72 0.62 -9.81
N GLN B 166 -0.66 1.78 -10.46
CA GLN B 166 0.23 1.93 -11.60
C GLN B 166 1.69 1.80 -11.14
N ASP B 167 2.47 1.07 -11.94
CA ASP B 167 3.86 0.83 -11.59
C ASP B 167 4.67 2.11 -11.70
N SER B 168 5.57 2.33 -10.74
CA SER B 168 6.33 3.57 -10.68
C SER B 168 7.46 3.62 -11.69
N LYS B 169 7.75 2.53 -12.39
CA LYS B 169 8.83 2.51 -13.38
C LYS B 169 8.35 2.47 -14.81
N ASP B 170 7.36 1.63 -15.14
CA ASP B 170 6.88 1.52 -16.51
C ASP B 170 5.41 1.89 -16.67
N SER B 171 4.76 2.36 -15.61
CA SER B 171 3.38 2.86 -15.64
C SER B 171 2.37 1.81 -16.07
N THR B 172 2.72 0.53 -15.98
CA THR B 172 1.78 -0.52 -16.34
C THR B 172 1.00 -0.96 -15.09
N TYR B 173 0.03 -1.84 -15.31
CA TYR B 173 -0.72 -2.46 -14.24
C TYR B 173 -0.45 -3.96 -14.24
N SER B 174 -0.76 -4.60 -13.12
CA SER B 174 -0.73 -6.04 -13.03
C SER B 174 -1.99 -6.52 -12.33
N LEU B 175 -2.41 -7.74 -12.63
CA LEU B 175 -3.63 -8.29 -12.09
C LEU B 175 -3.42 -9.74 -11.70
N SER B 176 -4.00 -10.14 -10.57
CA SER B 176 -3.96 -11.51 -10.08
C SER B 176 -5.37 -11.97 -9.81
N SER B 177 -5.73 -13.13 -10.36
CA SER B 177 -7.05 -13.72 -10.17
C SER B 177 -6.88 -15.12 -9.59
N THR B 178 -7.65 -15.43 -8.55
CA THR B 178 -7.56 -16.70 -7.86
C THR B 178 -8.89 -17.43 -7.99
N LEU B 179 -8.84 -18.66 -8.52
CA LEU B 179 -9.99 -19.56 -8.55
C LEU B 179 -9.80 -20.58 -7.43
N THR B 180 -10.75 -20.61 -6.49
CA THR B 180 -10.64 -21.45 -5.30
C THR B 180 -11.77 -22.46 -5.29
N LEU B 181 -11.43 -23.74 -5.36
CA LEU B 181 -12.38 -24.83 -5.23
C LEU B 181 -11.93 -25.74 -4.10
N SER B 182 -12.86 -26.56 -3.61
CA SER B 182 -12.49 -27.62 -2.69
C SER B 182 -11.59 -28.63 -3.41
N LYS B 183 -10.77 -29.34 -2.64
CA LYS B 183 -9.90 -30.34 -3.23
C LYS B 183 -10.71 -31.42 -3.96
N ALA B 184 -11.86 -31.78 -3.40
CA ALA B 184 -12.71 -32.78 -4.05
C ALA B 184 -13.18 -32.30 -5.42
N ASP B 185 -13.66 -31.06 -5.50
CA ASP B 185 -14.06 -30.51 -6.79
C ASP B 185 -12.87 -30.32 -7.72
N TYR B 186 -11.70 -30.00 -7.17
CA TYR B 186 -10.51 -29.81 -8.00
C TYR B 186 -10.09 -31.11 -8.66
N GLU B 187 -10.09 -32.21 -7.91
CA GLU B 187 -9.69 -33.50 -8.46
C GLU B 187 -10.74 -34.09 -9.39
N LYS B 188 -11.90 -33.46 -9.53
CA LYS B 188 -12.95 -33.97 -10.39
C LYS B 188 -12.76 -33.58 -11.85
N HIS B 189 -11.89 -32.64 -12.15
CA HIS B 189 -11.72 -32.12 -13.50
C HIS B 189 -10.26 -32.16 -13.89
N LYS B 190 -9.99 -31.82 -15.15
CA LYS B 190 -8.67 -32.01 -15.74
C LYS B 190 -8.03 -30.70 -16.19
N VAL B 191 -8.67 -29.94 -17.07
CA VAL B 191 -8.06 -28.77 -17.68
C VAL B 191 -8.56 -27.51 -16.99
N TYR B 192 -7.63 -26.72 -16.47
CA TYR B 192 -7.92 -25.44 -15.84
C TYR B 192 -7.29 -24.33 -16.67
N ALA B 193 -8.07 -23.29 -16.97
CA ALA B 193 -7.62 -22.24 -17.87
C ALA B 193 -8.20 -20.91 -17.45
N CYS B 194 -7.41 -19.85 -17.65
CA CYS B 194 -7.90 -18.49 -17.55
C CYS B 194 -7.77 -17.83 -18.92
N GLU B 195 -8.87 -17.26 -19.40
CA GLU B 195 -8.92 -16.59 -20.69
C GLU B 195 -8.91 -15.09 -20.48
N VAL B 196 -7.96 -14.41 -21.13
CA VAL B 196 -7.68 -13.01 -20.87
C VAL B 196 -8.02 -12.19 -22.10
N THR B 197 -8.84 -11.16 -21.91
CA THR B 197 -9.16 -10.20 -22.95
C THR B 197 -8.60 -8.84 -22.56
N HIS B 198 -7.85 -8.23 -23.48
CA HIS B 198 -7.24 -6.93 -23.21
C HIS B 198 -7.08 -6.18 -24.53
N GLN B 199 -7.09 -4.85 -24.43
CA GLN B 199 -7.01 -4.00 -25.61
C GLN B 199 -5.76 -4.28 -26.44
N GLY B 200 -4.67 -4.69 -25.79
CA GLY B 200 -3.44 -5.02 -26.49
C GLY B 200 -3.43 -6.35 -27.21
N LEU B 201 -4.47 -7.15 -27.05
CA LEU B 201 -4.58 -8.45 -27.71
C LEU B 201 -5.68 -8.39 -28.76
N SER B 202 -5.37 -8.92 -29.94
CA SER B 202 -6.37 -8.99 -31.01
C SER B 202 -7.35 -10.14 -30.82
N SER B 203 -6.99 -11.13 -30.00
CA SER B 203 -7.83 -12.27 -29.69
C SER B 203 -7.59 -12.65 -28.24
N PRO B 204 -8.59 -13.23 -27.56
CA PRO B 204 -8.38 -13.66 -26.18
C PRO B 204 -7.24 -14.65 -26.06
N VAL B 205 -6.43 -14.49 -25.01
CA VAL B 205 -5.29 -15.34 -24.74
C VAL B 205 -5.69 -16.34 -23.67
N THR B 206 -5.44 -17.63 -23.94
CA THR B 206 -5.80 -18.70 -23.02
C THR B 206 -4.52 -19.33 -22.46
N LYS B 207 -4.41 -19.34 -21.13
CA LYS B 207 -3.32 -20.00 -20.43
C LYS B 207 -3.91 -21.13 -19.61
N SER B 208 -3.43 -22.35 -19.83
CA SER B 208 -4.04 -23.53 -19.24
C SER B 208 -2.98 -24.52 -18.78
N PHE B 209 -3.43 -25.50 -17.99
CA PHE B 209 -2.61 -26.64 -17.62
C PHE B 209 -3.54 -27.81 -17.38
N ASN B 210 -2.97 -29.01 -17.40
CA ASN B 210 -3.70 -30.24 -17.14
C ASN B 210 -3.36 -30.72 -15.72
N ARG B 211 -4.40 -30.91 -14.90
CA ARG B 211 -4.21 -31.38 -13.53
C ARG B 211 -3.47 -32.71 -13.53
N GLY B 212 -2.24 -32.72 -13.01
CA GLY B 212 -1.40 -33.87 -13.02
C GLY B 212 -0.25 -33.83 -14.02
N GLU B 213 0.10 -32.66 -14.54
CA GLU B 213 1.17 -32.50 -15.53
C GLU B 213 0.95 -33.39 -16.75
#